data_8WJY
#
_entry.id   8WJY
#
_cell.length_a   46.010
_cell.length_b   55.810
_cell.length_c   113.920
_cell.angle_alpha   90.00
_cell.angle_beta   90.00
_cell.angle_gamma   90.00
#
_symmetry.space_group_name_H-M   'P 21 21 21'
#
loop_
_entity.id
_entity.type
_entity.pdbx_description
1 polymer 'Membrane-associated tyrosine- and threonine-specific cdc2-inhibitory kinase'
2 non-polymer [6-azanyl-5-(2,6-dimethyl-3-oxidanyl-phenyl)-2,3-dimethyl-pyrrolo[2,3-b]pyrazin-7-yl]-(6,7-dihydro-4~{H}-pyrazolo[1,5-a]pyrazin-5-yl)methanone
3 non-polymer 'DIMETHYL SULFOXIDE'
4 non-polymer GLYCEROL
5 water water
#
_entity_poly.entity_id   1
_entity_poly.type   'polypeptide(L)'
_entity_poly.pdbx_seq_one_letter_code
;MHHHHHHSSGVDLGTENLYFQSMHQLQPRRVSFRGEASETLQSPGYDPSRPESFFQQSFQRLSRLGHGSYGEVFKVRSKE
DGRLYAVKRSMSPFRGPKDRARKLAEVGSHEKVGQHPCCVRLEQAWEEGGILYLQTELCGPSLQQHCEAWGASLPEAQVW
GYLRDTLLALAHLHSQGLVHLDVKPANIFLGPRGRCKLGDFGLLVELGTAGAGEVQEGDPRYMAPELLQGSYGTAADVFS
LGLTILEVACNMELPHGGEGWQQLRQGYLPPEFTAGLSSELRSVLVMMLEPDPKLRATAEALLALPVLRQP
;
_entity_poly.pdbx_strand_id   A
#
loop_
_chem_comp.id
_chem_comp.type
_chem_comp.name
_chem_comp.formula
DMS non-polymer 'DIMETHYL SULFOXIDE' 'C2 H6 O S'
GOL non-polymer GLYCEROL 'C3 H8 O3'
W9X non-polymer [6-azanyl-5-(2,6-dimethyl-3-oxidanyl-phenyl)-2,3-dimethyl-pyrrolo[2,3-b]pyrazin-7-yl]-(6,7-dihydro-4~{H}-pyrazolo[1,5-a]pyrazin-5-yl)methanone 'C23 H25 N7 O2'
#
# COMPACT_ATOMS: atom_id res chain seq x y z
N VAL A 11 23.46 -3.87 -12.48
CA VAL A 11 24.10 -3.69 -13.82
C VAL A 11 23.26 -4.46 -14.87
N ASP A 12 23.24 -5.80 -14.89
CA ASP A 12 22.31 -6.57 -15.78
C ASP A 12 21.71 -7.81 -15.08
N LEU A 13 20.51 -7.64 -14.50
CA LEU A 13 19.71 -8.74 -13.88
C LEU A 13 19.40 -9.79 -14.96
N GLY A 14 19.65 -11.08 -14.70
CA GLY A 14 19.28 -12.20 -15.59
C GLY A 14 20.48 -12.87 -16.26
N THR A 15 21.70 -12.38 -15.98
CA THR A 15 22.97 -12.88 -16.58
C THR A 15 24.10 -12.98 -15.52
N GLU A 16 23.82 -12.70 -14.24
CA GLU A 16 24.83 -12.67 -13.12
C GLU A 16 25.78 -13.87 -13.21
N ASN A 17 27.06 -13.63 -12.93
CA ASN A 17 28.05 -14.64 -12.47
C ASN A 17 27.49 -15.28 -11.19
N LEU A 18 27.68 -16.60 -11.03
CA LEU A 18 27.17 -17.39 -9.88
C LEU A 18 25.63 -17.24 -9.80
N TYR A 19 24.91 -17.35 -10.94
CA TYR A 19 23.45 -17.04 -11.05
C TYR A 19 22.75 -17.80 -9.94
N PHE A 20 23.38 -18.94 -9.64
CA PHE A 20 23.04 -19.93 -8.59
C PHE A 20 24.11 -19.85 -7.48
N GLN A 25 21.31 -17.24 2.01
CA GLN A 25 22.33 -16.78 2.99
C GLN A 25 21.78 -16.93 4.42
N LEU A 26 22.23 -17.96 5.14
CA LEU A 26 21.83 -18.31 6.53
C LEU A 26 22.27 -17.25 7.56
N GLN A 27 22.88 -16.12 7.15
CA GLN A 27 23.14 -14.95 8.03
C GLN A 27 22.23 -13.80 7.61
N PRO A 28 21.47 -13.17 8.53
CA PRO A 28 20.62 -12.07 8.15
C PRO A 28 21.50 -10.92 7.65
N ARG A 29 20.94 -10.10 6.76
CA ARG A 29 21.58 -8.89 6.23
C ARG A 29 20.48 -7.81 6.21
N ARG A 30 20.73 -6.66 6.81
CA ARG A 30 19.82 -5.50 6.70
C ARG A 30 19.65 -5.16 5.21
N VAL A 31 18.42 -4.86 4.81
CA VAL A 31 18.06 -4.36 3.47
C VAL A 31 17.72 -2.88 3.63
N SER A 32 18.54 -2.02 3.04
CA SER A 32 18.25 -0.57 2.99
C SER A 32 18.87 0.02 1.72
N PHE A 33 18.17 0.95 1.07
CA PHE A 33 18.76 1.76 -0.03
C PHE A 33 19.08 3.16 0.51
N ARG A 34 18.96 3.40 1.82
CA ARG A 34 19.15 4.75 2.41
C ARG A 34 20.65 5.02 2.64
N GLY A 35 21.39 4.03 3.14
CA GLY A 35 22.79 4.21 3.57
C GLY A 35 22.91 4.26 5.09
N GLU A 36 23.54 3.25 5.67
CA GLU A 36 23.92 3.19 7.12
C GLU A 36 25.23 2.42 7.23
N ALA A 37 25.49 1.53 6.26
CA ALA A 37 26.75 0.76 6.05
C ALA A 37 26.76 -0.52 6.90
N SER A 38 25.92 -0.60 7.95
CA SER A 38 25.86 -1.77 8.86
C SER A 38 24.72 -2.72 8.48
N GLU A 39 25.10 -3.75 7.74
CA GLU A 39 24.23 -4.84 7.26
C GLU A 39 23.98 -5.85 8.39
N THR A 40 24.78 -5.82 9.45
CA THR A 40 24.77 -6.80 10.58
C THR A 40 23.54 -6.57 11.47
N LEU A 41 22.74 -7.60 11.72
CA LEU A 41 21.56 -7.48 12.62
C LEU A 41 21.92 -7.95 14.03
N GLN A 42 21.39 -7.30 15.05
CA GLN A 42 21.54 -7.71 16.45
C GLN A 42 20.22 -7.51 17.16
N SER A 43 19.97 -8.29 18.20
CA SER A 43 18.80 -8.08 19.08
C SER A 43 19.02 -8.83 20.38
N PRO A 44 18.48 -8.34 21.50
CA PRO A 44 18.25 -9.19 22.65
C PRO A 44 17.49 -10.42 22.15
N GLY A 45 17.84 -11.59 22.67
CA GLY A 45 17.16 -12.84 22.29
C GLY A 45 17.77 -13.46 21.06
N TYR A 46 18.69 -12.79 20.39
CA TYR A 46 19.29 -13.30 19.13
C TYR A 46 20.74 -13.71 19.34
N ASP A 47 21.06 -14.95 19.01
CA ASP A 47 22.45 -15.48 18.97
C ASP A 47 22.62 -16.17 17.62
N PRO A 48 23.47 -15.61 16.74
CA PRO A 48 23.65 -16.19 15.40
C PRO A 48 24.24 -17.61 15.40
N SER A 49 24.82 -18.08 16.51
CA SER A 49 25.35 -19.46 16.59
C SER A 49 24.20 -20.44 16.80
N ARG A 50 23.01 -19.98 17.17
CA ARG A 50 21.83 -20.90 17.29
C ARG A 50 21.21 -20.97 15.90
N PRO A 51 20.59 -22.09 15.51
CA PRO A 51 20.13 -22.30 14.13
C PRO A 51 18.82 -21.55 13.78
N GLU A 52 18.08 -21.02 14.74
CA GLU A 52 16.81 -20.30 14.42
C GLU A 52 17.15 -19.01 13.69
N SER A 53 16.24 -18.55 12.84
CA SER A 53 16.40 -17.29 12.08
C SER A 53 16.37 -16.08 13.02
N PHE A 54 16.90 -14.95 12.56
CA PHE A 54 16.77 -13.67 13.27
C PHE A 54 15.30 -13.40 13.62
N PHE A 55 14.39 -13.67 12.70
CA PHE A 55 12.95 -13.41 12.90
C PHE A 55 12.45 -14.27 14.06
N GLN A 56 12.82 -15.56 14.05
CA GLN A 56 12.40 -16.56 15.07
C GLN A 56 12.91 -16.11 16.45
N GLN A 57 14.15 -15.69 16.53
CA GLN A 57 14.83 -15.41 17.82
C GLN A 57 14.48 -14.03 18.34
N SER A 58 14.20 -13.05 17.47
CA SER A 58 14.16 -11.63 17.90
C SER A 58 12.74 -11.10 18.14
N PHE A 59 11.72 -11.89 17.86
CA PHE A 59 10.31 -11.47 17.98
C PHE A 59 9.47 -12.57 18.61
N GLN A 60 8.44 -12.16 19.36
CA GLN A 60 7.33 -13.06 19.75
C GLN A 60 6.27 -12.86 18.68
N ARG A 61 5.95 -13.93 17.97
CA ARG A 61 4.86 -13.90 16.96
C ARG A 61 3.56 -14.07 17.71
N LEU A 62 2.65 -13.12 17.61
CA LEU A 62 1.40 -13.08 18.41
C LEU A 62 0.20 -13.60 17.61
N SER A 63 0.10 -13.26 16.33
CA SER A 63 -1.00 -13.73 15.44
C SER A 63 -0.62 -13.50 13.99
N ARG A 64 -1.22 -14.27 13.10
CA ARG A 64 -1.10 -14.08 11.64
C ARG A 64 -2.14 -13.04 11.21
N LEU A 65 -1.70 -11.90 10.70
CA LEU A 65 -2.59 -10.82 10.22
C LEU A 65 -3.09 -11.08 8.81
N GLY A 66 -2.29 -11.75 7.99
CA GLY A 66 -2.65 -12.03 6.58
C GLY A 66 -1.73 -13.04 5.95
N HIS A 67 -2.13 -13.54 4.80
CA HIS A 67 -1.31 -14.46 4.01
C HIS A 67 -1.79 -14.42 2.57
N GLY A 68 -0.93 -14.87 1.68
CA GLY A 68 -1.24 -15.08 0.26
C GLY A 68 -0.05 -15.73 -0.40
N SER A 69 -0.06 -15.73 -1.75
CA SER A 69 1.04 -16.24 -2.59
C SER A 69 2.36 -15.60 -2.19
N TYR A 70 2.34 -14.36 -1.74
CA TYR A 70 3.56 -13.57 -1.44
C TYR A 70 4.27 -14.13 -0.20
N GLY A 71 3.52 -14.73 0.74
CA GLY A 71 4.01 -15.05 2.09
C GLY A 71 2.97 -14.74 3.15
N GLU A 72 3.41 -14.17 4.27
CA GLU A 72 2.55 -14.01 5.47
C GLU A 72 2.93 -12.74 6.22
N VAL A 73 1.99 -12.21 6.99
CA VAL A 73 2.18 -11.05 7.88
C VAL A 73 1.80 -11.49 9.30
N PHE A 74 2.69 -11.22 10.24
CA PHE A 74 2.49 -11.52 11.66
C PHE A 74 2.46 -10.22 12.44
N LYS A 75 1.55 -10.19 13.41
CA LYS A 75 1.65 -9.27 14.54
C LYS A 75 2.72 -9.81 15.47
N VAL A 76 3.68 -8.97 15.86
CA VAL A 76 4.81 -9.44 16.71
C VAL A 76 5.08 -8.42 17.81
N ARG A 77 5.74 -8.89 18.85
CA ARG A 77 6.39 -8.01 19.86
C ARG A 77 7.90 -8.14 19.67
N SER A 78 8.56 -7.01 19.51
CA SER A 78 10.02 -6.90 19.37
C SER A 78 10.66 -7.19 20.73
N LYS A 79 11.64 -8.09 20.78
CA LYS A 79 12.48 -8.31 21.99
C LYS A 79 13.42 -7.11 22.17
N GLU A 80 13.61 -6.31 21.13
CA GLU A 80 14.49 -5.12 21.24
C GLU A 80 13.83 -4.09 22.16
N ASP A 81 12.56 -3.75 21.92
CA ASP A 81 11.95 -2.59 22.59
C ASP A 81 10.63 -2.95 23.27
N GLY A 82 10.19 -4.21 23.19
CA GLY A 82 8.94 -4.65 23.82
C GLY A 82 7.71 -4.09 23.12
N ARG A 83 7.85 -3.49 21.94
CA ARG A 83 6.74 -2.81 21.24
C ARG A 83 6.18 -3.74 20.16
N LEU A 84 4.94 -3.47 19.77
CA LEU A 84 4.20 -4.25 18.75
C LEU A 84 4.55 -3.73 17.36
N TYR A 85 4.73 -4.65 16.40
CA TYR A 85 4.99 -4.34 14.99
C TYR A 85 4.20 -5.32 14.15
N ALA A 86 4.15 -5.05 12.85
CA ALA A 86 3.77 -6.07 11.85
C ALA A 86 5.02 -6.42 11.06
N VAL A 87 5.23 -7.71 10.81
CA VAL A 87 6.32 -8.17 9.91
C VAL A 87 5.70 -8.97 8.76
N LYS A 88 6.03 -8.57 7.57
CA LYS A 88 5.69 -9.33 6.35
C LYS A 88 6.93 -10.13 5.94
N ARG A 89 6.76 -11.41 5.65
CA ARG A 89 7.88 -12.25 5.16
C ARG A 89 7.46 -12.90 3.86
N SER A 90 8.43 -13.11 2.97
CA SER A 90 8.20 -13.82 1.69
C SER A 90 8.01 -15.30 1.98
N MET A 91 7.25 -15.96 1.12
CA MET A 91 6.88 -17.37 1.35
C MET A 91 8.09 -18.28 1.19
N SER A 92 8.88 -18.09 0.13
CA SER A 92 9.88 -19.06 -0.36
C SER A 92 11.17 -18.35 -0.67
N PRO A 93 12.33 -19.04 -0.67
CA PRO A 93 13.60 -18.42 -1.01
C PRO A 93 13.49 -17.76 -2.39
N PHE A 94 14.22 -16.67 -2.57
CA PHE A 94 14.29 -15.96 -3.86
C PHE A 94 14.48 -16.99 -4.98
N ARG A 95 13.79 -16.79 -6.09
CA ARG A 95 13.90 -17.74 -7.24
C ARG A 95 15.25 -17.54 -7.93
N GLY A 96 15.87 -16.38 -7.72
CA GLY A 96 17.05 -15.95 -8.47
C GLY A 96 17.20 -14.44 -8.34
N PRO A 97 18.20 -13.86 -9.02
CA PRO A 97 18.53 -12.45 -8.81
C PRO A 97 17.44 -11.47 -9.26
N LYS A 98 16.66 -11.77 -10.29
CA LYS A 98 15.56 -10.86 -10.69
C LYS A 98 14.48 -10.85 -9.61
N ASP A 99 14.11 -12.03 -9.13
CA ASP A 99 13.08 -12.18 -8.08
C ASP A 99 13.58 -11.41 -6.84
N ARG A 100 14.83 -11.60 -6.46
CA ARG A 100 15.44 -10.91 -5.31
C ARG A 100 15.35 -9.39 -5.53
N ALA A 101 15.82 -8.91 -6.68
CA ALA A 101 15.84 -7.47 -7.01
C ALA A 101 14.41 -6.92 -6.97
N ARG A 102 13.44 -7.65 -7.52
CA ARG A 102 12.03 -7.20 -7.47
C ARG A 102 11.50 -7.12 -6.02
N LYS A 103 11.81 -8.12 -5.18
CA LYS A 103 11.30 -8.12 -3.78
C LYS A 103 11.99 -6.99 -3.01
N LEU A 104 13.30 -6.84 -3.14
CA LEU A 104 14.06 -5.81 -2.38
C LEU A 104 13.57 -4.40 -2.76
N ALA A 105 13.16 -4.23 -4.02
CA ALA A 105 12.69 -2.92 -4.57
C ALA A 105 11.54 -2.38 -3.71
N GLU A 106 10.76 -3.26 -3.07
CA GLU A 106 9.70 -2.83 -2.15
C GLU A 106 10.31 -1.98 -1.03
N VAL A 107 11.45 -2.39 -0.49
CA VAL A 107 12.14 -1.65 0.59
C VAL A 107 12.58 -0.27 0.04
N GLY A 108 13.25 -0.26 -1.11
CA GLY A 108 13.67 0.97 -1.80
C GLY A 108 12.52 1.93 -1.99
N SER A 109 11.36 1.45 -2.43
CA SER A 109 10.14 2.26 -2.67
C SER A 109 9.60 2.78 -1.34
N HIS A 110 9.51 1.89 -0.37
CA HIS A 110 8.96 2.16 0.96
C HIS A 110 9.76 3.29 1.61
N GLU A 111 11.09 3.26 1.46
CA GLU A 111 12.05 4.23 2.02
C GLU A 111 11.96 5.56 1.27
N LYS A 112 12.00 5.47 -0.08
CA LYS A 112 11.79 6.57 -1.05
C LYS A 112 10.51 7.35 -0.71
N VAL A 113 9.47 6.65 -0.27
CA VAL A 113 8.22 7.31 0.24
C VAL A 113 8.68 8.15 1.43
N GLY A 114 8.96 7.52 2.56
CA GLY A 114 9.60 8.15 3.73
C GLY A 114 8.73 8.07 4.97
N GLN A 115 9.07 8.89 5.95
CA GLN A 115 8.15 9.29 7.03
C GLN A 115 7.10 10.21 6.38
N HIS A 116 5.86 9.77 6.39
CA HIS A 116 4.66 10.62 6.19
C HIS A 116 3.59 10.04 7.11
N PRO A 117 2.81 10.85 7.86
CA PRO A 117 1.86 10.27 8.79
C PRO A 117 0.73 9.52 8.07
N CYS A 118 0.57 9.68 6.76
CA CYS A 118 -0.51 8.99 6.02
C CYS A 118 0.05 7.83 5.21
N CYS A 119 1.30 7.45 5.46
CA CYS A 119 1.97 6.29 4.84
C CYS A 119 2.43 5.31 5.93
N VAL A 120 2.20 4.02 5.73
CA VAL A 120 2.65 2.98 6.70
C VAL A 120 4.15 3.11 6.86
N ARG A 121 4.63 3.22 8.10
CA ARG A 121 6.07 3.44 8.39
C ARG A 121 6.81 2.11 8.46
N LEU A 122 7.87 1.98 7.68
CA LEU A 122 8.82 0.86 7.69
C LEU A 122 9.83 1.09 8.82
N GLU A 123 9.96 0.14 9.73
CA GLU A 123 10.90 0.20 10.87
C GLU A 123 12.25 -0.37 10.41
N GLN A 124 12.28 -1.53 9.79
CA GLN A 124 13.54 -2.08 9.26
C GLN A 124 13.21 -3.26 8.36
N ALA A 125 14.17 -3.68 7.58
CA ALA A 125 13.99 -4.82 6.66
C ALA A 125 15.31 -5.57 6.63
N TRP A 126 15.19 -6.86 6.39
CA TRP A 126 16.36 -7.75 6.32
C TRP A 126 16.00 -8.97 5.49
N GLU A 127 17.04 -9.63 5.01
CA GLU A 127 16.94 -10.91 4.29
C GLU A 127 17.76 -11.94 5.06
N GLU A 128 17.32 -13.18 4.95
CA GLU A 128 17.98 -14.35 5.59
C GLU A 128 17.40 -15.59 4.90
N GLY A 129 18.27 -16.52 4.48
CA GLY A 129 17.88 -17.77 3.83
C GLY A 129 17.04 -17.50 2.61
N GLY A 130 17.24 -16.35 1.94
CA GLY A 130 16.52 -15.98 0.72
C GLY A 130 15.11 -15.52 1.01
N ILE A 131 14.78 -15.27 2.26
CA ILE A 131 13.47 -14.74 2.70
C ILE A 131 13.66 -13.24 2.98
N LEU A 132 12.75 -12.41 2.49
CA LEU A 132 12.72 -10.95 2.78
C LEU A 132 11.70 -10.68 3.89
N TYR A 133 12.11 -9.87 4.87
CA TYR A 133 11.27 -9.47 6.01
C TYR A 133 11.17 -7.98 6.03
N LEU A 134 9.95 -7.46 6.07
CA LEU A 134 9.70 -6.02 6.29
C LEU A 134 8.96 -5.85 7.60
N GLN A 135 9.53 -5.09 8.52
CA GLN A 135 8.93 -4.76 9.83
C GLN A 135 8.41 -3.34 9.75
N THR A 136 7.10 -3.15 9.92
CA THR A 136 6.46 -1.82 9.89
C THR A 136 5.81 -1.57 11.23
N GLU A 137 5.37 -0.34 11.46
CA GLU A 137 4.35 -0.10 12.52
C GLU A 137 3.21 -1.12 12.38
N LEU A 138 2.65 -1.52 13.51
CA LEU A 138 1.38 -2.26 13.58
C LEU A 138 0.26 -1.25 13.34
N CYS A 139 -0.52 -1.46 12.30
CA CYS A 139 -1.68 -0.59 12.00
C CYS A 139 -2.96 -1.18 12.61
N GLY A 140 -4.07 -0.53 12.35
CA GLY A 140 -5.39 -1.15 12.48
C GLY A 140 -5.65 -2.04 11.28
N PRO A 141 -6.88 -2.61 11.17
CA PRO A 141 -7.27 -3.41 10.01
C PRO A 141 -7.21 -2.59 8.71
N SER A 142 -7.20 -3.29 7.58
CA SER A 142 -7.30 -2.64 6.26
C SER A 142 -8.68 -1.99 6.20
N LEU A 143 -8.80 -1.01 5.32
CA LEU A 143 -10.08 -0.30 5.05
C LEU A 143 -11.09 -1.34 4.53
N GLN A 144 -10.64 -2.33 3.75
CA GLN A 144 -11.51 -3.44 3.33
C GLN A 144 -12.05 -4.20 4.54
N GLN A 145 -11.18 -4.57 5.46
CA GLN A 145 -11.56 -5.30 6.69
C GLN A 145 -12.51 -4.45 7.51
N HIS A 146 -12.24 -3.16 7.63
CA HIS A 146 -13.10 -2.18 8.33
C HIS A 146 -14.52 -2.22 7.73
N CYS A 147 -14.64 -2.17 6.40
CA CYS A 147 -15.96 -2.14 5.73
C CYS A 147 -16.64 -3.50 5.94
N GLU A 148 -15.86 -4.58 5.94
CA GLU A 148 -16.45 -5.94 6.16
C GLU A 148 -17.03 -5.96 7.59
N ALA A 149 -16.30 -5.42 8.57
CA ALA A 149 -16.74 -5.40 9.98
C ALA A 149 -17.96 -4.47 10.10
N TRP A 150 -17.97 -3.35 9.38
CA TRP A 150 -19.08 -2.36 9.41
C TRP A 150 -20.35 -3.03 8.84
N GLY A 151 -20.22 -3.78 7.73
CA GLY A 151 -21.28 -4.61 7.14
C GLY A 151 -22.21 -3.84 6.22
N ALA A 152 -21.88 -2.60 5.94
CA ALA A 152 -22.73 -1.64 5.22
C ALA A 152 -21.83 -0.52 4.68
N SER A 153 -22.42 0.38 3.92
CA SER A 153 -21.82 1.66 3.48
C SER A 153 -21.20 2.35 4.69
N LEU A 154 -20.00 2.92 4.55
CA LEU A 154 -19.45 3.78 5.63
C LEU A 154 -20.25 5.07 5.67
N PRO A 155 -20.51 5.61 6.87
CA PRO A 155 -21.03 6.98 6.96
C PRO A 155 -20.06 7.95 6.27
N GLU A 156 -20.58 8.98 5.58
CA GLU A 156 -19.73 9.96 4.86
C GLU A 156 -18.71 10.62 5.79
N ALA A 157 -19.04 10.87 7.06
CA ALA A 157 -18.09 11.51 8.00
C ALA A 157 -16.81 10.67 8.04
N GLN A 158 -16.95 9.34 8.08
CA GLN A 158 -15.78 8.44 8.01
C GLN A 158 -15.13 8.57 6.63
N VAL A 159 -15.91 8.50 5.54
CA VAL A 159 -15.41 8.53 4.14
C VAL A 159 -14.54 9.78 3.91
N TRP A 160 -14.99 10.97 4.34
CA TRP A 160 -14.21 12.23 4.13
C TRP A 160 -12.81 12.13 4.73
N GLY A 161 -12.69 11.61 5.97
CA GLY A 161 -11.42 11.43 6.69
C GLY A 161 -10.50 10.48 5.96
N TYR A 162 -11.01 9.35 5.48
CA TYR A 162 -10.17 8.36 4.76
C TYR A 162 -9.77 8.87 3.37
N LEU A 163 -10.65 9.60 2.70
CA LEU A 163 -10.34 10.20 1.40
C LEU A 163 -9.23 11.24 1.59
N ARG A 164 -9.35 12.11 2.57
CA ARG A 164 -8.35 13.17 2.87
C ARG A 164 -7.00 12.51 3.12
N ASP A 165 -6.96 11.52 4.00
CA ASP A 165 -5.70 10.88 4.46
C ASP A 165 -5.02 10.25 3.26
N THR A 166 -5.77 9.52 2.46
CA THR A 166 -5.21 8.78 1.32
C THR A 166 -4.77 9.79 0.24
N LEU A 167 -5.50 10.90 0.09
CA LEU A 167 -5.07 12.01 -0.78
C LEU A 167 -3.76 12.60 -0.27
N LEU A 168 -3.62 12.81 1.04
CA LEU A 168 -2.36 13.41 1.57
C LEU A 168 -1.21 12.47 1.20
N ALA A 169 -1.43 11.16 1.33
CA ALA A 169 -0.43 10.12 1.01
C ALA A 169 -0.10 10.21 -0.47
N LEU A 170 -1.12 10.27 -1.32
CA LEU A 170 -0.88 10.35 -2.80
C LEU A 170 -0.15 11.65 -3.14
N ALA A 171 -0.50 12.77 -2.51
CA ALA A 171 0.14 14.07 -2.80
C ALA A 171 1.64 13.92 -2.50
N HIS A 172 1.97 13.18 -1.46
CA HIS A 172 3.36 12.98 -0.99
C HIS A 172 4.12 12.15 -2.01
N LEU A 173 3.53 11.05 -2.47
CA LEU A 173 4.13 10.21 -3.53
C LEU A 173 4.24 11.01 -4.82
N HIS A 174 3.15 11.63 -5.25
CA HIS A 174 3.05 12.26 -6.58
C HIS A 174 4.03 13.44 -6.67
N SER A 175 4.20 14.23 -5.60
CA SER A 175 5.17 15.36 -5.57
C SER A 175 6.57 14.84 -5.94
N GLN A 176 6.88 13.58 -5.64
CA GLN A 176 8.20 12.90 -5.83
C GLN A 176 8.23 12.07 -7.12
N GLY A 177 7.24 12.20 -7.99
CA GLY A 177 7.18 11.47 -9.27
C GLY A 177 6.94 9.99 -9.06
N LEU A 178 6.32 9.59 -7.94
CA LEU A 178 6.07 8.17 -7.60
C LEU A 178 4.60 7.84 -7.84
N VAL A 179 4.33 6.68 -8.41
CA VAL A 179 2.95 6.16 -8.64
C VAL A 179 2.82 4.85 -7.87
N HIS A 180 1.81 4.76 -6.99
CA HIS A 180 1.57 3.56 -6.15
C HIS A 180 1.16 2.37 -7.03
N LEU A 181 0.23 2.60 -7.96
CA LEU A 181 -0.36 1.63 -8.93
C LEU A 181 -1.23 0.56 -8.28
N ASP A 182 -1.45 0.54 -6.96
CA ASP A 182 -2.37 -0.50 -6.42
C ASP A 182 -3.15 0.08 -5.24
N VAL A 183 -3.70 1.28 -5.42
CA VAL A 183 -4.58 1.89 -4.37
C VAL A 183 -5.88 1.11 -4.39
N LYS A 184 -6.29 0.63 -3.21
CA LYS A 184 -7.56 -0.09 -3.01
C LYS A 184 -7.76 -0.25 -1.52
N PRO A 185 -9.01 -0.57 -1.09
CA PRO A 185 -9.29 -0.76 0.33
C PRO A 185 -8.32 -1.74 1.03
N ALA A 186 -7.81 -2.78 0.34
CA ALA A 186 -6.92 -3.77 0.96
C ALA A 186 -5.53 -3.20 1.24
N ASN A 187 -5.16 -2.07 0.62
CA ASN A 187 -3.81 -1.46 0.72
C ASN A 187 -3.87 -0.15 1.50
N ILE A 188 -4.98 0.12 2.19
CA ILE A 188 -5.15 1.28 3.09
C ILE A 188 -5.42 0.72 4.49
N PHE A 189 -4.75 1.24 5.51
CA PHE A 189 -4.78 0.64 6.88
C PHE A 189 -5.23 1.70 7.88
N LEU A 190 -6.15 1.32 8.76
N LEU A 190 -6.23 1.36 8.70
CA LEU A 190 -6.74 2.21 9.79
CA LEU A 190 -6.73 2.26 9.76
C LEU A 190 -5.66 2.60 10.81
C LEU A 190 -5.57 2.55 10.71
N GLY A 191 -5.58 3.89 11.12
N GLY A 191 -5.61 3.68 11.42
CA GLY A 191 -4.87 4.37 12.30
CA GLY A 191 -4.50 4.09 12.29
C GLY A 191 -5.86 4.55 13.45
C GLY A 191 -4.40 5.60 12.38
N PRO A 192 -5.45 5.17 14.57
N PRO A 192 -3.99 6.14 13.54
CA PRO A 192 -6.40 5.59 15.60
CA PRO A 192 -4.86 6.44 14.67
C PRO A 192 -7.30 6.72 15.10
C PRO A 192 -6.37 6.27 14.50
N ARG A 193 -8.47 6.91 15.72
N ARG A 193 -7.11 6.97 15.36
CA ARG A 193 -9.20 8.20 15.70
CA ARG A 193 -8.60 7.05 15.44
C ARG A 193 -9.70 8.54 14.30
C ARG A 193 -9.15 7.90 14.29
N GLY A 194 -10.14 7.56 13.51
N GLY A 194 -10.05 7.33 13.47
CA GLY A 194 -10.69 7.79 12.16
CA GLY A 194 -10.64 8.02 12.30
C GLY A 194 -9.65 8.22 11.14
C GLY A 194 -9.64 8.28 11.18
N ARG A 195 -8.38 7.88 11.34
CA ARG A 195 -7.31 8.16 10.36
C ARG A 195 -7.04 6.88 9.58
N CYS A 196 -6.38 7.00 8.44
CA CYS A 196 -5.84 5.83 7.72
C CYS A 196 -4.50 6.17 7.05
N LYS A 197 -3.84 5.12 6.60
CA LYS A 197 -2.50 5.17 5.98
C LYS A 197 -2.49 4.32 4.73
N LEU A 198 -1.86 4.82 3.68
CA LEU A 198 -1.54 4.05 2.48
C LEU A 198 -0.35 3.14 2.79
N GLY A 199 -0.47 1.90 2.37
CA GLY A 199 0.62 0.90 2.45
C GLY A 199 0.76 0.10 1.18
N ASP A 200 1.58 -0.94 1.25
CA ASP A 200 1.91 -1.90 0.17
C ASP A 200 2.51 -1.17 -1.03
N PHE A 201 3.77 -0.80 -0.89
CA PHE A 201 4.53 -0.07 -1.92
C PHE A 201 5.23 -1.06 -2.87
N GLY A 202 4.78 -2.31 -2.91
CA GLY A 202 5.39 -3.36 -3.76
C GLY A 202 5.36 -3.02 -5.25
N LEU A 203 4.34 -2.32 -5.73
CA LEU A 203 4.15 -2.04 -7.19
C LEU A 203 4.55 -0.61 -7.52
N LEU A 204 4.93 0.19 -6.53
CA LEU A 204 5.21 1.63 -6.74
C LEU A 204 6.25 1.76 -7.85
N VAL A 205 6.03 2.67 -8.78
CA VAL A 205 7.06 3.01 -9.80
C VAL A 205 7.41 4.48 -9.69
N GLU A 206 8.66 4.76 -10.04
CA GLU A 206 9.22 6.11 -10.23
C GLU A 206 9.10 6.43 -11.71
N LEU A 207 8.27 7.40 -12.06
CA LEU A 207 8.09 7.82 -13.46
C LEU A 207 9.46 8.17 -14.03
N GLY A 208 9.75 7.68 -15.24
CA GLY A 208 11.01 7.94 -15.97
C GLY A 208 12.18 7.07 -15.53
N THR A 209 11.94 6.03 -14.70
CA THR A 209 12.96 5.05 -14.25
C THR A 209 12.55 3.64 -14.71
N ALA A 210 13.46 2.67 -14.58
CA ALA A 210 13.27 1.21 -14.79
C ALA A 210 11.88 0.92 -15.40
N GLN A 216 4.37 -4.13 -14.01
CA GLN A 216 3.53 -4.99 -13.13
C GLN A 216 2.25 -4.25 -12.74
N GLU A 217 1.15 -4.98 -12.65
CA GLU A 217 -0.17 -4.35 -12.74
C GLU A 217 -0.90 -4.47 -11.40
N GLY A 218 -1.63 -3.40 -11.07
CA GLY A 218 -2.51 -3.29 -9.89
C GLY A 218 -3.74 -4.14 -10.07
N ASP A 219 -4.57 -4.15 -9.06
CA ASP A 219 -5.83 -4.90 -9.05
C ASP A 219 -6.71 -4.38 -10.18
N PRO A 220 -7.19 -5.27 -11.08
CA PRO A 220 -7.96 -4.81 -12.23
C PRO A 220 -9.25 -4.06 -11.84
N ARG A 221 -9.79 -4.30 -10.66
CA ARG A 221 -11.04 -3.65 -10.23
C ARG A 221 -10.84 -2.14 -10.11
N TYR A 222 -9.62 -1.69 -9.84
CA TYR A 222 -9.38 -0.27 -9.45
C TYR A 222 -8.52 0.41 -10.52
N MET A 223 -8.16 -0.32 -11.56
CA MET A 223 -7.14 0.14 -12.55
C MET A 223 -7.72 1.34 -13.33
N ALA A 224 -6.94 2.40 -13.48
CA ALA A 224 -7.24 3.55 -14.35
C ALA A 224 -7.33 3.09 -15.81
N PRO A 225 -8.31 3.62 -16.56
CA PRO A 225 -8.55 3.21 -17.95
C PRO A 225 -7.34 3.45 -18.84
N GLU A 226 -6.56 4.51 -18.62
CA GLU A 226 -5.42 4.82 -19.50
C GLU A 226 -4.31 3.75 -19.37
N LEU A 227 -4.28 2.96 -18.31
CA LEU A 227 -3.29 1.89 -18.14
C LEU A 227 -3.50 0.76 -19.16
N LEU A 228 -4.69 0.55 -19.69
CA LEU A 228 -4.92 -0.49 -20.74
C LEU A 228 -3.95 -0.28 -21.92
N GLN A 229 -3.60 0.99 -22.21
CA GLN A 229 -2.66 1.41 -23.28
C GLN A 229 -1.26 1.66 -22.70
N GLY A 230 -0.98 1.19 -21.48
CA GLY A 230 0.29 1.42 -20.77
C GLY A 230 0.60 2.88 -20.50
N SER A 231 -0.41 3.73 -20.38
CA SER A 231 -0.18 5.19 -20.11
C SER A 231 -0.02 5.44 -18.59
N TYR A 232 1.17 5.22 -18.02
CA TYR A 232 1.38 5.30 -16.55
C TYR A 232 1.57 6.77 -16.17
N GLY A 233 0.89 7.25 -15.12
CA GLY A 233 1.05 8.60 -14.55
C GLY A 233 0.49 8.68 -13.13
N THR A 234 0.71 9.78 -12.41
CA THR A 234 0.15 9.94 -11.04
C THR A 234 -1.38 9.91 -11.10
N ALA A 235 -1.99 10.39 -12.18
CA ALA A 235 -3.45 10.44 -12.36
C ALA A 235 -4.05 9.03 -12.13
N ALA A 236 -3.33 7.96 -12.50
CA ALA A 236 -3.83 6.58 -12.33
C ALA A 236 -4.27 6.35 -10.87
N ASP A 237 -3.44 6.80 -9.91
CA ASP A 237 -3.68 6.59 -8.46
C ASP A 237 -4.97 7.33 -8.06
N VAL A 238 -5.21 8.49 -8.65
CA VAL A 238 -6.39 9.33 -8.29
C VAL A 238 -7.65 8.55 -8.72
N PHE A 239 -7.67 8.00 -9.92
CA PHE A 239 -8.75 7.13 -10.41
C PHE A 239 -8.98 5.94 -9.46
N SER A 240 -7.94 5.16 -9.12
CA SER A 240 -8.00 4.00 -8.18
C SER A 240 -8.60 4.45 -6.84
N LEU A 241 -8.14 5.60 -6.31
CA LEU A 241 -8.70 6.08 -5.03
C LEU A 241 -10.17 6.49 -5.24
N GLY A 242 -10.50 7.05 -6.40
CA GLY A 242 -11.92 7.32 -6.72
C GLY A 242 -12.80 6.08 -6.56
N LEU A 243 -12.40 4.97 -7.19
CA LEU A 243 -13.21 3.73 -7.12
C LEU A 243 -13.12 3.13 -5.71
N THR A 244 -12.00 3.28 -5.03
CA THR A 244 -11.82 2.85 -3.63
C THR A 244 -12.90 3.53 -2.78
N ILE A 245 -13.02 4.86 -2.93
CA ILE A 245 -13.96 5.65 -2.07
C ILE A 245 -15.39 5.31 -2.48
N LEU A 246 -15.63 5.13 -3.77
CA LEU A 246 -16.98 4.78 -4.26
C LEU A 246 -17.40 3.47 -3.59
N GLU A 247 -16.49 2.51 -3.60
CA GLU A 247 -16.74 1.17 -3.04
C GLU A 247 -17.13 1.31 -1.56
N VAL A 248 -16.33 2.03 -0.78
CA VAL A 248 -16.51 2.02 0.70
C VAL A 248 -17.73 2.89 1.03
N ALA A 249 -17.95 3.95 0.28
CA ALA A 249 -19.06 4.88 0.54
C ALA A 249 -20.40 4.23 0.16
N CYS A 250 -20.41 3.29 -0.78
CA CYS A 250 -21.68 2.74 -1.33
C CYS A 250 -21.81 1.25 -1.07
N ASN A 251 -20.83 0.64 -0.40
CA ASN A 251 -20.81 -0.83 -0.18
C ASN A 251 -21.03 -1.54 -1.52
N MET A 252 -20.30 -1.11 -2.55
CA MET A 252 -20.45 -1.57 -3.94
C MET A 252 -19.24 -2.41 -4.35
N GLU A 253 -19.50 -3.68 -4.69
CA GLU A 253 -18.51 -4.61 -5.26
C GLU A 253 -18.15 -4.10 -6.67
N LEU A 254 -16.88 -3.98 -6.98
CA LEU A 254 -16.38 -3.50 -8.30
C LEU A 254 -16.12 -4.71 -9.19
N PRO A 255 -16.60 -4.66 -10.45
CA PRO A 255 -16.32 -5.71 -11.42
C PRO A 255 -14.83 -5.73 -11.82
N HIS A 256 -14.26 -6.91 -12.06
CA HIS A 256 -12.88 -7.04 -12.59
C HIS A 256 -12.91 -6.97 -14.12
N GLY A 257 -14.08 -6.93 -14.74
CA GLY A 257 -14.18 -6.77 -16.20
C GLY A 257 -15.60 -6.68 -16.68
N GLY A 258 -15.76 -6.71 -18.01
CA GLY A 258 -17.07 -6.68 -18.68
C GLY A 258 -17.66 -5.30 -18.68
N GLU A 259 -18.94 -5.23 -19.01
CA GLU A 259 -19.64 -3.97 -19.34
C GLU A 259 -19.56 -3.02 -18.13
N GLY A 260 -19.73 -3.57 -16.93
CA GLY A 260 -19.75 -2.80 -15.67
C GLY A 260 -18.41 -2.14 -15.45
N TRP A 261 -17.32 -2.85 -15.75
CA TRP A 261 -15.93 -2.33 -15.64
C TRP A 261 -15.74 -1.14 -16.57
N GLN A 262 -16.25 -1.28 -17.79
CA GLN A 262 -16.14 -0.24 -18.82
C GLN A 262 -16.94 1.00 -18.40
N GLN A 263 -18.16 0.81 -17.92
CA GLN A 263 -19.10 1.91 -17.54
C GLN A 263 -18.45 2.77 -16.46
N LEU A 264 -17.81 2.15 -15.45
CA LEU A 264 -17.17 2.91 -14.35
C LEU A 264 -16.02 3.73 -14.91
N ARG A 265 -15.52 3.37 -16.09
CA ARG A 265 -14.43 4.13 -16.77
C ARG A 265 -14.98 5.03 -17.88
N GLN A 266 -16.29 5.20 -17.92
CA GLN A 266 -16.95 6.16 -18.85
C GLN A 266 -17.82 7.13 -18.05
N GLY A 267 -17.46 7.39 -16.79
CA GLY A 267 -18.15 8.40 -15.96
C GLY A 267 -19.47 7.91 -15.43
N TYR A 268 -19.80 6.63 -15.54
CA TYR A 268 -21.07 6.06 -15.00
C TYR A 268 -20.98 5.89 -13.50
N LEU A 269 -21.99 6.36 -12.77
CA LEU A 269 -22.20 6.10 -11.33
C LEU A 269 -23.52 5.37 -11.18
N PRO A 270 -23.52 4.06 -10.89
CA PRO A 270 -24.79 3.29 -10.86
C PRO A 270 -25.78 3.89 -9.85
N PRO A 271 -26.99 4.31 -10.28
CA PRO A 271 -27.95 4.91 -9.35
C PRO A 271 -28.43 3.97 -8.23
N GLU A 272 -28.44 2.67 -8.48
CA GLU A 272 -28.79 1.64 -7.46
C GLU A 272 -27.81 1.73 -6.28
N PHE A 273 -26.58 2.19 -6.47
CA PHE A 273 -25.58 2.19 -5.37
C PHE A 273 -25.27 3.61 -4.91
N THR A 274 -25.47 4.62 -5.75
CA THR A 274 -24.87 5.96 -5.54
C THR A 274 -25.94 7.02 -5.27
N ALA A 275 -27.23 6.67 -5.26
CA ALA A 275 -28.31 7.67 -5.05
C ALA A 275 -28.20 8.33 -3.65
N GLY A 276 -27.56 7.70 -2.67
CA GLY A 276 -27.54 8.20 -1.28
C GLY A 276 -26.35 9.11 -0.99
N LEU A 277 -25.41 9.25 -1.92
CA LEU A 277 -24.22 10.12 -1.79
C LEU A 277 -24.69 11.57 -1.68
N SER A 278 -24.08 12.31 -0.77
CA SER A 278 -24.13 13.80 -0.74
C SER A 278 -23.74 14.33 -2.13
N SER A 279 -24.32 15.44 -2.55
CA SER A 279 -23.86 16.16 -3.77
C SER A 279 -22.36 16.45 -3.69
N GLU A 280 -21.87 16.80 -2.51
CA GLU A 280 -20.45 17.17 -2.32
C GLU A 280 -19.55 15.94 -2.53
N LEU A 281 -19.91 14.79 -1.98
CA LEU A 281 -19.05 13.59 -2.14
C LEU A 281 -19.14 13.13 -3.60
N ARG A 282 -20.34 13.07 -4.18
CA ARG A 282 -20.55 12.73 -5.61
C ARG A 282 -19.65 13.63 -6.48
N SER A 283 -19.70 14.93 -6.27
CA SER A 283 -18.97 15.89 -7.12
C SER A 283 -17.47 15.56 -7.06
N VAL A 284 -16.96 15.26 -5.86
CA VAL A 284 -15.51 14.94 -5.70
C VAL A 284 -15.18 13.62 -6.39
N LEU A 285 -16.03 12.60 -6.27
CA LEU A 285 -15.80 11.32 -6.97
C LEU A 285 -15.81 11.52 -8.49
N VAL A 286 -16.66 12.37 -9.02
CA VAL A 286 -16.70 12.61 -10.49
C VAL A 286 -15.35 13.18 -10.94
N MET A 287 -14.75 14.05 -10.14
CA MET A 287 -13.46 14.69 -10.53
C MET A 287 -12.35 13.61 -10.51
N MET A 288 -12.43 12.68 -9.56
CA MET A 288 -11.45 11.60 -9.40
C MET A 288 -11.64 10.53 -10.46
N LEU A 289 -12.88 10.33 -10.94
CA LEU A 289 -13.21 9.23 -11.91
C LEU A 289 -13.22 9.70 -13.37
N GLU A 290 -12.83 10.96 -13.62
CA GLU A 290 -12.68 11.52 -14.97
C GLU A 290 -11.90 10.53 -15.81
N PRO A 291 -12.50 9.95 -16.88
CA PRO A 291 -11.80 8.97 -17.72
C PRO A 291 -10.49 9.47 -18.34
N ASP A 292 -10.45 10.73 -18.69
CA ASP A 292 -9.27 11.34 -19.36
C ASP A 292 -8.25 11.72 -18.29
N PRO A 293 -7.07 11.08 -18.22
CA PRO A 293 -6.08 11.40 -17.20
C PRO A 293 -5.57 12.84 -17.22
N LYS A 294 -5.67 13.52 -18.38
CA LYS A 294 -5.31 14.95 -18.51
C LYS A 294 -6.39 15.83 -17.86
N LEU A 295 -7.65 15.41 -17.79
CA LEU A 295 -8.71 16.22 -17.12
C LEU A 295 -8.89 15.81 -15.66
N ARG A 296 -8.36 14.67 -15.25
CA ARG A 296 -8.62 14.16 -13.87
C ARG A 296 -7.94 15.10 -12.86
N ALA A 297 -8.61 15.40 -11.76
CA ALA A 297 -8.10 16.27 -10.67
C ALA A 297 -6.81 15.66 -10.11
N THR A 298 -5.87 16.50 -9.68
CA THR A 298 -4.69 16.04 -8.94
C THR A 298 -5.04 15.95 -7.46
N ALA A 299 -4.28 15.16 -6.72
CA ALA A 299 -4.45 15.02 -5.27
C ALA A 299 -4.29 16.40 -4.62
N GLU A 300 -3.31 17.20 -5.04
CA GLU A 300 -3.06 18.57 -4.54
CA GLU A 300 -3.10 18.54 -4.45
C GLU A 300 -4.32 19.40 -4.77
N ALA A 301 -4.88 19.31 -5.97
CA ALA A 301 -6.04 20.12 -6.39
C ALA A 301 -7.24 19.78 -5.51
N LEU A 302 -7.42 18.49 -5.23
CA LEU A 302 -8.56 18.00 -4.42
C LEU A 302 -8.35 18.45 -2.97
N LEU A 303 -7.13 18.34 -2.44
CA LEU A 303 -6.85 18.73 -1.04
C LEU A 303 -7.04 20.25 -0.86
N ALA A 304 -6.95 21.04 -1.93
CA ALA A 304 -7.17 22.51 -1.83
C ALA A 304 -8.66 22.83 -1.71
N LEU A 305 -9.58 21.93 -2.05
CA LEU A 305 -11.04 22.22 -2.02
C LEU A 305 -11.44 22.42 -0.57
N PRO A 306 -12.16 23.51 -0.23
CA PRO A 306 -12.67 23.68 1.13
C PRO A 306 -13.36 22.43 1.70
N VAL A 307 -14.13 21.71 0.88
CA VAL A 307 -14.87 20.50 1.35
C VAL A 307 -13.88 19.48 1.93
N LEU A 308 -12.60 19.48 1.53
CA LEU A 308 -11.58 18.49 1.99
C LEU A 308 -10.57 19.06 2.99
N ARG A 309 -10.85 20.18 3.68
CA ARG A 309 -9.81 20.74 4.60
C ARG A 309 -10.02 20.22 6.03
N GLN A 310 -8.97 20.29 6.86
CA GLN A 310 -9.01 20.15 8.34
C GLN A 310 -9.77 18.89 8.77
N1 W9X B . -1.34 -6.49 6.99
C5 W9X B . 0.53 -5.27 6.23
C6 W9X B . -0.41 -5.56 7.22
C8 W9X B . 1.00 -3.92 7.96
C13 W9X B . 4.80 -4.35 5.32
C15 W9X B . 3.52 -2.69 4.23
C17 W9X B . 1.14 -2.22 4.72
C20 W9X B . -2.30 -8.33 5.75
C21 W9X B . -0.32 -7.67 3.58
C22 W9X B . -0.88 -4.35 9.54
C24 W9X B . -2.60 -4.53 11.19
C28 W9X B . -3.19 -4.95 8.77
C2 W9X B . -1.28 -7.21 5.87
C3 W9X B . -0.34 -6.91 4.89
N4 W9X B . 0.64 -6.01 5.13
N7 W9X B . 1.37 -4.33 6.71
C9 W9X B . -0.15 -4.60 8.32
N10 W9X B . 1.62 -2.93 8.66
C11 W9X B . 2.51 -3.94 5.98
C12 W9X B . 3.70 -4.64 6.14
C14 W9X B . 4.68 -3.42 4.33
C16 W9X B . 2.39 -2.99 4.97
C18 W9X B . 3.88 -5.59 7.29
O19 W9X B . 3.42 -1.83 3.22
N23 W9X B . -2.15 -4.75 9.80
C25 W9X B . -3.80 -5.38 11.38
N26 W9X B . -4.43 -6.06 10.40
C27 W9X B . -3.95 -6.21 9.05
C29 W9X B . -4.52 -5.49 12.51
C30 W9X B . -5.53 -6.40 12.25
N31 W9X B . -5.49 -6.75 10.97
O32 W9X B . -0.29 -3.64 10.39
S DMS C . 1.40 -8.13 -0.65
O DMS C . 1.90 -6.86 -0.01
C1 DMS C . -0.24 -7.80 -1.26
C2 DMS C . 2.19 -8.27 -2.24
C1 GOL D . -0.95 -18.59 14.01
O1 GOL D . 0.27 -17.99 13.57
C2 GOL D . -2.15 -17.77 13.60
O2 GOL D . -2.67 -17.00 14.68
C3 GOL D . -3.26 -18.59 12.99
O3 GOL D . -4.25 -17.74 12.43
#